data_3PZQ
#
_entry.id   3PZQ
#
_cell.length_a   55.109
_cell.length_b   83.193
_cell.length_c   91.518
_cell.angle_alpha   90.00
_cell.angle_beta   90.00
_cell.angle_gamma   90.00
#
_symmetry.space_group_name_H-M   'P 21 21 21'
#
loop_
_entity.id
_entity.type
_entity.pdbx_description
1 polymer 'Mannan endo-1,4-beta-mannosidase. Glycosyl Hydrolase family 5'
2 branched alpha-D-glucopyranose-(1-4)-alpha-D-glucopyranose
3 water water
#
_entity_poly.entity_id   1
_entity_poly.type   'polypeptide(L)'
_entity_poly.pdbx_seq_one_letter_code
;MGSSHHHHHHSSGLVPRGSHMLNGKEFRFIGSNNYYMHYKSNRMIDSVLESARDMGIKVLRIWGFLDGESYCRDKNTYMH
PEPGVFGVPEGISNAQNGFERLDYTIAKAKELGIKLIIVLVNNWDDFGGMNQYVRWFGGTHHDDFYRDERIKEEYKKYVS
FLINHVNVYTGVPYREEPTIMAWELANELRCETDKSGNTLVEWVKEMSSYIKSLDPNHLVAVGDEGFFSNYEGFKPYGGE
AEWAYNGWSGVDWKKLLSIETVDFGTFHLYPSHWGVSPENYAQWGAKWIEDHIKIAKEIGKPVVLEEYGIPKSAPVNRTA
IYRLWNDLVYDLGGDGAMFWMLAGIGEGSDRDERGYYPDYDGFRIVNDDSPEAELIREYAKLF
;
_entity_poly.pdbx_strand_id   A
#
loop_
_chem_comp.id
_chem_comp.type
_chem_comp.name
_chem_comp.formula
GLC D-saccharide, alpha linking alpha-D-glucopyranose 'C6 H12 O6'
#
# COMPACT_ATOMS: atom_id res chain seq x y z
N PHE A 27 10.11 14.88 -9.01
CA PHE A 27 9.03 14.69 -8.00
C PHE A 27 9.47 13.65 -6.94
N ARG A 28 9.90 14.19 -5.80
CA ARG A 28 10.25 13.46 -4.58
C ARG A 28 9.29 13.92 -3.48
N PHE A 29 8.96 13.04 -2.54
CA PHE A 29 7.91 13.41 -1.62
C PHE A 29 7.92 12.69 -0.27
N ILE A 30 7.19 13.27 0.67
CA ILE A 30 6.78 12.59 1.90
C ILE A 30 5.36 12.17 1.63
N GLY A 31 5.06 10.91 1.91
CA GLY A 31 3.69 10.41 1.70
C GLY A 31 3.20 9.67 2.94
N SER A 32 1.99 9.10 2.83
CA SER A 32 1.47 8.31 3.92
C SER A 32 0.49 7.30 3.34
N ASN A 33 -0.13 6.57 4.26
CA ASN A 33 -1.06 5.43 3.92
C ASN A 33 -2.33 5.66 4.68
N ASN A 34 -3.46 5.30 4.09
CA ASN A 34 -4.69 5.26 4.88
C ASN A 34 -5.61 4.24 4.19
N TYR A 35 -6.09 3.27 4.96
CA TYR A 35 -6.83 2.15 4.34
C TYR A 35 -8.36 2.29 4.39
N TYR A 36 -8.91 3.41 4.88
CA TYR A 36 -10.38 3.38 5.08
C TYR A 36 -11.07 4.44 4.22
N MET A 37 -10.28 4.93 3.28
CA MET A 37 -10.76 5.94 2.31
C MET A 37 -11.86 5.43 1.37
N HIS A 38 -12.12 4.11 1.35
CA HIS A 38 -13.14 3.60 0.48
C HIS A 38 -14.41 3.14 1.16
N TYR A 39 -14.52 3.37 2.48
CA TYR A 39 -15.73 2.97 3.21
C TYR A 39 -16.14 3.89 4.35
N LYS A 40 -15.39 4.90 4.65
CA LYS A 40 -15.81 5.82 5.74
C LYS A 40 -16.52 7.08 5.21
N SER A 41 -17.04 7.91 6.13
CA SER A 41 -17.92 9.03 5.79
C SER A 41 -17.16 10.18 5.12
N ASN A 42 -17.91 11.10 4.49
CA ASN A 42 -17.27 12.35 3.97
C ASN A 42 -16.46 13.09 5.00
N ARG A 43 -17.03 13.22 6.21
CA ARG A 43 -16.36 13.92 7.29
C ARG A 43 -14.97 13.27 7.61
N MET A 44 -14.90 11.95 7.68
CA MET A 44 -13.67 11.30 8.01
C MET A 44 -12.65 11.31 6.84
N ILE A 45 -13.14 11.12 5.62
CA ILE A 45 -12.32 11.26 4.37
C ILE A 45 -11.73 12.68 4.25
N ASP A 46 -12.56 13.70 4.45
CA ASP A 46 -12.09 15.09 4.37
C ASP A 46 -11.02 15.33 5.45
N SER A 47 -11.21 14.75 6.64
CA SER A 47 -10.25 14.96 7.71
C SER A 47 -8.87 14.41 7.39
N VAL A 48 -8.77 13.21 6.83
CA VAL A 48 -7.49 12.68 6.37
C VAL A 48 -6.84 13.55 5.32
N LEU A 49 -7.60 13.88 4.27
CA LEU A 49 -7.00 14.56 3.16
C LEU A 49 -6.64 16.02 3.54
N GLU A 50 -7.50 16.69 4.30
CA GLU A 50 -7.14 18.02 4.82
C GLU A 50 -5.93 17.94 5.74
N SER A 51 -5.82 16.88 6.55
CA SER A 51 -4.59 16.75 7.37
C SER A 51 -3.40 16.54 6.47
N ALA A 52 -3.49 15.68 5.43
CA ALA A 52 -2.34 15.46 4.53
C ALA A 52 -1.92 16.80 3.93
N ARG A 53 -2.89 17.59 3.44
CA ARG A 53 -2.58 18.92 2.83
C ARG A 53 -1.86 19.88 3.84
N ASP A 54 -2.44 19.95 5.02
CA ASP A 54 -1.96 20.85 6.08
C ASP A 54 -0.55 20.41 6.50
N MET A 55 -0.36 19.09 6.59
CA MET A 55 0.98 18.56 6.83
C MET A 55 2.02 18.61 5.73
N GLY A 56 1.65 18.90 4.49
CA GLY A 56 2.63 18.85 3.45
C GLY A 56 2.83 17.46 2.83
N ILE A 57 1.96 16.49 3.17
CA ILE A 57 2.03 15.12 2.63
C ILE A 57 1.47 15.17 1.21
N LYS A 58 2.25 14.79 0.20
CA LYS A 58 1.84 15.01 -1.20
C LYS A 58 1.17 13.79 -1.82
N VAL A 59 1.37 12.62 -1.24
CA VAL A 59 0.92 11.35 -1.84
C VAL A 59 0.31 10.47 -0.75
N LEU A 60 -0.90 9.94 -1.03
CA LEU A 60 -1.50 9.01 -0.07
C LEU A 60 -1.73 7.66 -0.77
N ARG A 61 -1.27 6.57 -0.14
CA ARG A 61 -1.46 5.23 -0.63
C ARG A 61 -2.71 4.62 0.06
N ILE A 62 -3.68 4.14 -0.74
CA ILE A 62 -5.00 3.74 -0.21
C ILE A 62 -5.39 2.41 -0.84
N TRP A 63 -6.32 1.71 -0.22
CA TRP A 63 -6.83 0.44 -0.75
C TRP A 63 -7.89 0.75 -1.80
N GLY A 64 -7.90 0.04 -2.93
CA GLY A 64 -8.99 0.13 -3.90
C GLY A 64 -9.70 -1.22 -3.98
N PHE A 65 -9.80 -1.95 -2.88
CA PHE A 65 -10.42 -3.30 -2.91
C PHE A 65 -11.36 -3.51 -1.70
N LEU A 66 -12.33 -4.39 -1.88
CA LEU A 66 -13.15 -4.82 -0.74
C LEU A 66 -13.80 -6.11 -1.25
N ASP A 67 -13.11 -7.23 -0.98
CA ASP A 67 -13.39 -8.51 -1.61
C ASP A 67 -14.15 -9.39 -0.64
N GLY A 68 -15.24 -9.96 -1.10
CA GLY A 68 -15.97 -10.98 -0.34
C GLY A 68 -17.20 -10.44 0.33
N GLU A 69 -18.29 -11.22 0.29
CA GLU A 69 -19.55 -10.76 0.84
C GLU A 69 -19.46 -10.46 2.31
N SER A 70 -18.79 -11.29 3.10
CA SER A 70 -18.72 -11.00 4.53
C SER A 70 -17.97 -9.73 4.86
N TYR A 71 -16.90 -9.44 4.12
CA TYR A 71 -16.09 -8.23 4.38
C TYR A 71 -16.87 -6.99 3.95
N CYS A 72 -17.58 -7.08 2.83
CA CYS A 72 -18.40 -5.94 2.35
C CYS A 72 -19.54 -5.69 3.33
N ARG A 73 -20.18 -6.78 3.72
CA ARG A 73 -21.23 -6.64 4.74
C ARG A 73 -20.71 -6.01 6.05
N ASP A 74 -19.55 -6.46 6.53
CA ASP A 74 -18.97 -5.92 7.76
C ASP A 74 -18.81 -4.38 7.76
N LYS A 75 -18.40 -3.80 6.63
CA LYS A 75 -18.28 -2.32 6.51
C LYS A 75 -19.51 -1.66 5.84
N ASN A 76 -20.53 -2.49 5.52
CA ASN A 76 -21.72 -2.11 4.78
C ASN A 76 -21.30 -1.31 3.52
N THR A 77 -20.26 -1.81 2.85
CA THR A 77 -19.71 -1.14 1.67
C THR A 77 -19.26 -2.19 0.68
N TYR A 78 -19.66 -2.05 -0.57
CA TYR A 78 -19.49 -3.14 -1.52
C TYR A 78 -18.57 -2.76 -2.66
N MET A 79 -17.59 -3.60 -2.99
CA MET A 79 -16.79 -3.39 -4.20
C MET A 79 -16.78 -4.69 -4.99
N HIS A 80 -16.56 -5.82 -4.33
CA HIS A 80 -16.35 -7.07 -5.09
C HIS A 80 -16.83 -8.20 -4.20
N PRO A 81 -18.17 -8.28 -3.92
CA PRO A 81 -18.67 -9.24 -2.96
C PRO A 81 -18.61 -10.67 -3.48
N GLU A 82 -18.68 -10.88 -4.80
CA GLU A 82 -18.74 -12.23 -5.41
C GLU A 82 -18.14 -12.12 -6.82
N PRO A 83 -17.75 -13.25 -7.42
CA PRO A 83 -17.15 -13.14 -8.72
C PRO A 83 -18.09 -12.53 -9.73
N GLY A 84 -17.57 -11.60 -10.53
CA GLY A 84 -18.42 -10.85 -11.48
C GLY A 84 -19.46 -9.85 -10.91
N VAL A 85 -19.51 -9.65 -9.60
CA VAL A 85 -20.38 -8.63 -9.05
C VAL A 85 -19.50 -7.47 -8.56
N PHE A 86 -19.65 -6.29 -9.17
CA PHE A 86 -18.83 -5.11 -8.84
C PHE A 86 -19.74 -4.01 -8.32
N GLY A 87 -19.46 -3.46 -7.17
CA GLY A 87 -20.41 -2.59 -6.46
C GLY A 87 -21.41 -3.40 -5.66
N VAL A 88 -22.58 -2.80 -5.47
CA VAL A 88 -23.57 -3.29 -4.54
C VAL A 88 -24.40 -4.38 -5.25
N PRO A 89 -24.62 -5.52 -4.61
CA PRO A 89 -25.49 -6.53 -5.27
C PRO A 89 -26.91 -6.00 -5.55
N GLU A 90 -27.52 -6.45 -6.62
CA GLU A 90 -28.91 -6.12 -6.94
C GLU A 90 -29.81 -6.48 -5.75
N GLY A 91 -30.70 -5.55 -5.36
CA GLY A 91 -31.57 -5.81 -4.15
C GLY A 91 -30.85 -5.94 -2.78
N ILE A 92 -29.63 -5.39 -2.70
CA ILE A 92 -29.17 -4.97 -1.41
C ILE A 92 -29.43 -3.47 -1.45
N SER A 93 -30.26 -2.97 -0.54
CA SER A 93 -30.47 -1.52 -0.37
C SER A 93 -29.79 -0.97 0.83
N ASN A 94 -29.70 0.35 0.88
CA ASN A 94 -29.18 1.03 2.05
C ASN A 94 -27.64 0.61 2.34
N ALA A 95 -26.92 0.26 1.27
CA ALA A 95 -25.47 -0.01 1.43
C ALA A 95 -24.67 1.05 0.68
N GLN A 96 -23.42 1.23 1.09
CA GLN A 96 -22.49 2.08 0.38
C GLN A 96 -21.86 1.30 -0.76
N ASN A 97 -21.62 2.02 -1.84
CA ASN A 97 -20.85 1.48 -2.97
C ASN A 97 -19.40 1.98 -2.76
N GLY A 98 -18.42 1.07 -2.64
CA GLY A 98 -17.01 1.47 -2.37
C GLY A 98 -16.44 2.26 -3.53
N PHE A 99 -16.99 2.04 -4.72
CA PHE A 99 -16.56 2.87 -5.86
C PHE A 99 -17.00 4.32 -5.67
N GLU A 100 -18.18 4.56 -5.09
CA GLU A 100 -18.60 5.94 -4.95
C GLU A 100 -17.75 6.58 -3.81
N ARG A 101 -17.31 5.77 -2.83
CA ARG A 101 -16.52 6.29 -1.74
C ARG A 101 -15.12 6.64 -2.27
N LEU A 102 -14.53 5.72 -3.00
CA LEU A 102 -13.27 5.97 -3.68
C LEU A 102 -13.46 7.18 -4.63
N ASP A 103 -14.62 7.28 -5.31
CA ASP A 103 -14.87 8.50 -6.18
C ASP A 103 -14.74 9.79 -5.37
N TYR A 104 -15.36 9.81 -4.20
CA TYR A 104 -15.38 10.99 -3.31
C TYR A 104 -13.95 11.29 -2.86
N THR A 105 -13.22 10.24 -2.42
CA THR A 105 -11.84 10.44 -2.00
C THR A 105 -11.00 11.00 -3.16
N ILE A 106 -11.12 10.40 -4.35
CA ILE A 106 -10.36 10.91 -5.51
C ILE A 106 -10.70 12.40 -5.80
N ALA A 107 -12.00 12.74 -5.76
CA ALA A 107 -12.42 14.10 -6.10
C ALA A 107 -11.93 15.09 -5.03
N LYS A 108 -11.98 14.66 -3.76
CA LYS A 108 -11.42 15.52 -2.69
C LYS A 108 -9.92 15.61 -2.81
N ALA A 109 -9.21 14.51 -3.10
CA ALA A 109 -7.73 14.65 -3.21
C ALA A 109 -7.35 15.60 -4.37
N LYS A 110 -8.14 15.51 -5.45
CA LYS A 110 -7.88 16.33 -6.64
C LYS A 110 -8.00 17.78 -6.19
N GLU A 111 -9.09 18.15 -5.51
CA GLU A 111 -9.27 19.53 -5.01
C GLU A 111 -8.10 19.98 -4.10
N LEU A 112 -7.71 19.08 -3.20
CA LEU A 112 -6.68 19.41 -2.20
C LEU A 112 -5.25 19.23 -2.69
N GLY A 113 -5.07 18.75 -3.91
CA GLY A 113 -3.77 18.67 -4.49
C GLY A 113 -3.01 17.45 -3.96
N ILE A 114 -3.68 16.44 -3.43
CA ILE A 114 -2.97 15.16 -2.99
C ILE A 114 -2.92 14.12 -4.13
N LYS A 115 -1.81 13.42 -4.38
CA LYS A 115 -1.83 12.36 -5.38
C LYS A 115 -2.07 11.05 -4.67
N LEU A 116 -2.57 10.06 -5.42
CA LEU A 116 -2.99 8.79 -4.78
C LEU A 116 -2.34 7.57 -5.44
N ILE A 117 -1.92 6.58 -4.63
CA ILE A 117 -1.49 5.31 -5.15
C ILE A 117 -2.57 4.33 -4.71
N ILE A 118 -3.15 3.56 -5.64
CA ILE A 118 -4.31 2.77 -5.29
C ILE A 118 -3.95 1.32 -5.51
N VAL A 119 -4.11 0.49 -4.47
CA VAL A 119 -3.62 -0.88 -4.49
C VAL A 119 -4.81 -1.78 -4.77
N LEU A 120 -4.61 -2.84 -5.57
CA LEU A 120 -5.75 -3.50 -6.19
C LEU A 120 -6.24 -4.78 -5.49
N VAL A 121 -5.38 -5.39 -4.67
CA VAL A 121 -5.76 -6.61 -3.91
C VAL A 121 -4.87 -6.66 -2.67
N ASN A 122 -5.28 -7.35 -1.59
CA ASN A 122 -4.41 -7.46 -0.40
C ASN A 122 -3.80 -8.86 -0.39
N ASN A 123 -2.50 -8.96 -0.09
CA ASN A 123 -1.94 -10.28 0.22
C ASN A 123 -2.67 -10.94 1.42
N TRP A 124 -3.06 -10.09 2.39
CA TRP A 124 -3.57 -10.54 3.72
C TRP A 124 -5.09 -10.63 3.66
N ASP A 125 -5.70 -11.16 4.72
CA ASP A 125 -7.16 -11.42 4.68
C ASP A 125 -8.04 -10.21 5.00
N ASP A 126 -7.46 -9.09 5.45
CA ASP A 126 -8.21 -7.86 5.73
C ASP A 126 -8.82 -7.40 4.42
N PHE A 127 -10.14 -7.14 4.42
CA PHE A 127 -10.85 -6.74 3.19
C PHE A 127 -10.80 -7.84 2.20
N GLY A 128 -10.76 -9.07 2.70
CA GLY A 128 -10.90 -10.26 1.83
C GLY A 128 -9.57 -10.83 1.34
N GLY A 129 -8.86 -10.05 0.53
CA GLY A 129 -7.56 -10.45 -0.03
C GLY A 129 -7.54 -11.66 -0.93
N MET A 130 -6.35 -12.16 -1.14
CA MET A 130 -6.13 -13.25 -2.05
C MET A 130 -6.85 -14.52 -1.55
N ASN A 131 -6.88 -14.74 -0.23
CA ASN A 131 -7.61 -15.90 0.27
C ASN A 131 -9.12 -15.91 -0.06
N GLN A 132 -9.72 -14.72 -0.18
CA GLN A 132 -11.15 -14.62 -0.53
C GLN A 132 -11.31 -15.11 -1.98
N TYR A 133 -10.36 -14.73 -2.87
CA TYR A 133 -10.42 -15.17 -4.27
C TYR A 133 -10.28 -16.71 -4.27
N VAL A 134 -9.34 -17.22 -3.47
CA VAL A 134 -9.11 -18.67 -3.43
C VAL A 134 -10.42 -19.37 -2.93
N ARG A 135 -11.03 -18.84 -1.88
CA ARG A 135 -12.32 -19.42 -1.42
C ARG A 135 -13.42 -19.42 -2.50
N TRP A 136 -13.52 -18.34 -3.28
CA TRP A 136 -14.54 -18.32 -4.35
C TRP A 136 -14.31 -19.40 -5.36
N PHE A 137 -13.05 -19.72 -5.68
CA PHE A 137 -12.80 -20.67 -6.72
C PHE A 137 -12.40 -22.04 -6.25
N GLY A 138 -12.63 -22.29 -4.96
CA GLY A 138 -12.42 -23.62 -4.37
C GLY A 138 -10.97 -24.11 -4.32
N GLY A 139 -9.99 -23.20 -4.31
CA GLY A 139 -8.63 -23.63 -4.11
C GLY A 139 -8.31 -24.00 -2.66
N THR A 140 -7.04 -24.35 -2.40
CA THR A 140 -6.69 -24.91 -1.10
C THR A 140 -5.48 -24.23 -0.48
N HIS A 141 -4.90 -23.26 -1.18
CA HIS A 141 -3.77 -22.48 -0.55
C HIS A 141 -3.87 -21.04 -1.06
N HIS A 142 -3.58 -20.11 -0.20
CA HIS A 142 -3.39 -18.70 -0.57
C HIS A 142 -2.70 -18.52 -1.94
N ASP A 143 -1.63 -19.23 -2.19
CA ASP A 143 -0.80 -18.94 -3.37
C ASP A 143 -1.46 -19.49 -4.64
N ASP A 144 -2.57 -20.23 -4.51
CA ASP A 144 -3.33 -20.67 -5.69
C ASP A 144 -3.82 -19.36 -6.47
N PHE A 145 -3.91 -18.27 -5.75
CA PHE A 145 -4.27 -16.95 -6.36
C PHE A 145 -3.39 -16.64 -7.57
N TYR A 146 -2.08 -16.95 -7.50
CA TYR A 146 -1.20 -16.60 -8.58
C TYR A 146 -1.21 -17.59 -9.74
N ARG A 147 -1.80 -18.78 -9.51
CA ARG A 147 -1.62 -19.90 -10.43
C ARG A 147 -2.92 -20.31 -11.11
N ASP A 148 -4.03 -20.18 -10.44
CA ASP A 148 -5.32 -20.69 -10.99
C ASP A 148 -5.82 -19.64 -12.02
N GLU A 149 -5.99 -20.09 -13.24
CA GLU A 149 -6.40 -19.16 -14.40
C GLU A 149 -7.76 -18.60 -14.15
N ARG A 150 -8.62 -19.31 -13.40
CA ARG A 150 -9.95 -18.77 -13.13
C ARG A 150 -9.84 -17.60 -12.12
N ILE A 151 -8.93 -17.74 -11.16
CA ILE A 151 -8.67 -16.61 -10.22
C ILE A 151 -8.06 -15.42 -10.93
N LYS A 152 -7.02 -15.69 -11.71
CA LYS A 152 -6.36 -14.61 -12.42
C LYS A 152 -7.33 -13.87 -13.33
N GLU A 153 -8.23 -14.66 -13.97
CA GLU A 153 -9.23 -14.07 -14.81
C GLU A 153 -10.16 -13.09 -14.02
N GLU A 154 -10.55 -13.52 -12.82
CA GLU A 154 -11.46 -12.71 -11.99
C GLU A 154 -10.72 -11.43 -11.50
N TYR A 155 -9.41 -11.56 -11.20
CA TYR A 155 -8.66 -10.40 -10.75
C TYR A 155 -8.66 -9.41 -11.92
N LYS A 156 -8.38 -9.90 -13.12
CA LYS A 156 -8.35 -9.02 -14.29
C LYS A 156 -9.70 -8.36 -14.52
N LYS A 157 -10.78 -9.10 -14.31
CA LYS A 157 -12.10 -8.49 -14.52
C LYS A 157 -12.34 -7.34 -13.53
N TYR A 158 -11.95 -7.57 -12.29
CA TYR A 158 -12.13 -6.58 -11.24
C TYR A 158 -11.35 -5.36 -11.59
N VAL A 159 -10.07 -5.57 -11.90
CA VAL A 159 -9.20 -4.46 -12.13
C VAL A 159 -9.69 -3.66 -13.37
N SER A 160 -10.11 -4.39 -14.39
CA SER A 160 -10.65 -3.71 -15.58
C SER A 160 -11.87 -2.84 -15.25
N PHE A 161 -12.78 -3.39 -14.42
CA PHE A 161 -13.95 -2.61 -13.92
C PHE A 161 -13.48 -1.32 -13.21
N LEU A 162 -12.53 -1.48 -12.28
CA LEU A 162 -12.07 -0.33 -11.49
C LEU A 162 -11.43 0.69 -12.38
N ILE A 163 -10.47 0.29 -13.20
CA ILE A 163 -9.72 1.28 -13.99
C ILE A 163 -10.64 2.02 -15.00
N ASN A 164 -11.69 1.35 -15.47
CA ASN A 164 -12.62 2.01 -16.41
C ASN A 164 -13.74 2.72 -15.71
N HIS A 165 -13.77 2.66 -14.38
CA HIS A 165 -14.90 3.27 -13.71
C HIS A 165 -14.97 4.85 -13.84
N VAL A 166 -16.16 5.39 -14.06
CA VAL A 166 -16.30 6.86 -14.26
C VAL A 166 -16.66 7.46 -12.92
N ASN A 167 -15.78 8.36 -12.43
CA ASN A 167 -15.97 8.93 -11.10
C ASN A 167 -17.23 9.79 -11.14
N VAL A 168 -18.12 9.60 -10.17
CA VAL A 168 -19.44 10.25 -10.18
C VAL A 168 -19.36 11.70 -9.76
N TYR A 169 -18.20 12.12 -9.21
CA TYR A 169 -18.02 13.51 -8.80
C TYR A 169 -17.19 14.35 -9.80
N THR A 170 -16.45 13.70 -10.70
CA THR A 170 -15.55 14.46 -11.57
C THR A 170 -15.93 14.27 -12.98
N GLY A 171 -16.65 13.19 -13.25
CA GLY A 171 -16.83 12.68 -14.59
C GLY A 171 -15.67 12.06 -15.33
N VAL A 172 -14.54 11.92 -14.67
CA VAL A 172 -13.33 11.48 -15.40
C VAL A 172 -13.13 10.02 -15.05
N PRO A 173 -12.93 9.14 -16.06
CA PRO A 173 -12.68 7.72 -15.62
C PRO A 173 -11.32 7.60 -14.90
N TYR A 174 -11.13 6.59 -14.04
CA TYR A 174 -9.89 6.48 -13.30
C TYR A 174 -8.70 6.40 -14.26
N ARG A 175 -8.86 5.64 -15.35
CA ARG A 175 -7.88 5.51 -16.43
C ARG A 175 -7.27 6.88 -16.80
N GLU A 176 -8.10 7.90 -16.73
CA GLU A 176 -7.70 9.27 -17.22
C GLU A 176 -7.43 10.32 -16.15
N GLU A 177 -7.44 9.93 -14.87
CA GLU A 177 -7.48 10.85 -13.77
C GLU A 177 -6.02 11.07 -13.28
N PRO A 178 -5.47 12.26 -13.49
CA PRO A 178 -4.10 12.56 -13.10
C PRO A 178 -3.92 12.59 -11.58
N THR A 179 -5.02 12.62 -10.81
CA THR A 179 -4.88 12.67 -9.32
C THR A 179 -4.32 11.31 -8.87
N ILE A 180 -4.55 10.30 -9.70
CA ILE A 180 -4.08 8.97 -9.37
C ILE A 180 -2.69 8.91 -9.91
N MET A 181 -1.72 8.70 -9.01
CA MET A 181 -0.33 8.61 -9.46
C MET A 181 0.08 7.26 -10.00
N ALA A 182 -0.46 6.17 -9.43
CA ALA A 182 0.00 4.82 -9.78
C ALA A 182 -1.02 3.82 -9.32
N TRP A 183 -1.06 2.71 -10.06
CA TRP A 183 -1.71 1.48 -9.63
C TRP A 183 -0.70 0.55 -9.03
N GLU A 184 -1.12 -0.16 -7.98
CA GLU A 184 -0.27 -1.21 -7.42
C GLU A 184 -0.95 -2.51 -7.47
N LEU A 185 -0.22 -3.56 -7.91
CA LEU A 185 -0.89 -4.81 -8.09
C LEU A 185 -1.44 -5.47 -6.83
N ALA A 186 -0.65 -5.46 -5.73
CA ALA A 186 -1.03 -6.27 -4.58
C ALA A 186 -0.23 -5.86 -3.34
N ASN A 187 -0.94 -5.50 -2.28
CA ASN A 187 -0.27 -5.10 -1.04
C ASN A 187 0.46 -6.26 -0.40
N GLU A 188 1.76 -6.09 -0.22
CA GLU A 188 2.62 -7.07 0.54
C GLU A 188 2.49 -8.46 -0.04
N LEU A 189 2.50 -8.57 -1.36
CA LEU A 189 2.43 -9.93 -1.88
C LEU A 189 3.61 -10.87 -1.54
N ARG A 190 3.25 -12.09 -1.19
CA ARG A 190 4.20 -13.13 -0.87
C ARG A 190 3.74 -14.44 -1.51
N CYS A 191 4.69 -15.35 -1.66
CA CYS A 191 4.40 -16.65 -2.29
C CYS A 191 5.35 -17.66 -1.66
N GLU A 192 5.09 -17.99 -0.41
CA GLU A 192 5.94 -18.92 0.32
C GLU A 192 6.10 -20.32 -0.29
N THR A 193 5.16 -20.72 -1.13
CA THR A 193 5.18 -22.05 -1.73
C THR A 193 6.12 -22.09 -2.91
N ASP A 194 6.67 -20.95 -3.33
CA ASP A 194 7.65 -21.00 -4.41
C ASP A 194 8.80 -20.05 -4.07
N LYS A 195 9.75 -20.57 -3.28
CA LYS A 195 10.87 -19.80 -2.85
C LYS A 195 11.89 -19.56 -3.99
N SER A 196 11.68 -20.11 -5.20
CA SER A 196 12.58 -19.73 -6.31
C SER A 196 12.27 -18.33 -6.77
N GLY A 197 11.07 -17.83 -6.41
CA GLY A 197 10.67 -16.48 -6.83
C GLY A 197 9.97 -16.43 -8.18
N ASN A 198 9.95 -17.53 -8.91
CA ASN A 198 9.50 -17.50 -10.27
C ASN A 198 8.01 -17.30 -10.32
N THR A 199 7.24 -17.82 -9.34
CA THR A 199 5.75 -17.76 -9.48
C THR A 199 5.36 -16.27 -9.51
N LEU A 200 5.93 -15.51 -8.60
CA LEU A 200 5.58 -14.06 -8.56
C LEU A 200 6.10 -13.25 -9.74
N VAL A 201 7.32 -13.52 -10.19
CA VAL A 201 7.81 -12.89 -11.39
C VAL A 201 6.80 -13.11 -12.52
N GLU A 202 6.36 -14.34 -12.74
CA GLU A 202 5.45 -14.57 -13.85
C GLU A 202 4.11 -13.79 -13.65
N TRP A 203 3.55 -13.85 -12.43
CA TRP A 203 2.25 -13.23 -12.13
C TRP A 203 2.37 -11.71 -12.29
N VAL A 204 3.45 -11.13 -11.79
CA VAL A 204 3.63 -9.68 -11.86
C VAL A 204 3.83 -9.26 -13.30
N LYS A 205 4.61 -10.02 -14.09
CA LYS A 205 4.72 -9.67 -15.53
C LYS A 205 3.34 -9.67 -16.21
N GLU A 206 2.58 -10.74 -15.98
CA GLU A 206 1.25 -10.87 -16.55
C GLU A 206 0.33 -9.71 -16.17
N MET A 207 0.26 -9.43 -14.89
CA MET A 207 -0.72 -8.44 -14.41
C MET A 207 -0.27 -7.02 -14.69
N SER A 208 1.03 -6.70 -14.48
CA SER A 208 1.47 -5.35 -14.83
C SER A 208 1.28 -5.09 -16.35
N SER A 209 1.58 -6.07 -17.21
CA SER A 209 1.34 -5.87 -18.66
C SER A 209 -0.14 -5.66 -18.94
N TYR A 210 -0.99 -6.42 -18.24
CA TYR A 210 -2.44 -6.34 -18.42
C TYR A 210 -2.89 -4.92 -18.08
N ILE A 211 -2.37 -4.39 -16.98
CA ILE A 211 -2.82 -3.06 -16.57
C ILE A 211 -2.37 -2.02 -17.58
N LYS A 212 -1.11 -2.12 -18.05
CA LYS A 212 -0.55 -1.22 -19.09
C LYS A 212 -1.42 -1.23 -20.33
N SER A 213 -1.93 -2.42 -20.66
CA SER A 213 -2.89 -2.61 -21.74
C SER A 213 -4.23 -1.87 -21.53
N LEU A 214 -4.69 -1.74 -20.28
CA LEU A 214 -5.95 -1.09 -20.00
C LEU A 214 -5.71 0.43 -19.86
N ASP A 215 -4.49 0.79 -19.45
CA ASP A 215 -4.25 2.15 -18.99
C ASP A 215 -2.82 2.53 -19.35
N PRO A 216 -2.70 3.25 -20.48
CA PRO A 216 -1.37 3.63 -20.93
C PRO A 216 -0.85 4.90 -20.21
N ASN A 217 -1.64 5.52 -19.33
CA ASN A 217 -1.27 6.83 -18.75
C ASN A 217 -0.60 6.71 -17.36
N HIS A 218 -0.91 5.65 -16.61
CA HIS A 218 -0.46 5.63 -15.22
C HIS A 218 0.73 4.73 -14.97
N LEU A 219 1.48 5.06 -13.93
CA LEU A 219 2.58 4.25 -13.41
C LEU A 219 2.03 3.00 -12.79
N VAL A 220 2.79 1.92 -12.84
CA VAL A 220 2.41 0.62 -12.23
C VAL A 220 3.56 0.20 -11.34
N ALA A 221 3.22 -0.21 -10.10
CA ALA A 221 4.19 -0.84 -9.20
C ALA A 221 3.56 -2.03 -8.55
N VAL A 222 4.38 -2.81 -7.87
CA VAL A 222 3.93 -4.07 -7.32
C VAL A 222 3.16 -3.81 -6.00
N GLY A 223 3.78 -3.10 -5.06
CA GLY A 223 3.20 -2.87 -3.73
C GLY A 223 3.71 -3.85 -2.67
N ASP A 224 4.74 -4.62 -3.02
CA ASP A 224 5.32 -5.57 -2.05
C ASP A 224 6.30 -4.96 -1.03
N GLU A 225 6.75 -5.79 -0.09
CA GLU A 225 7.55 -5.34 1.09
C GLU A 225 9.03 -5.13 0.76
N GLY A 226 9.44 -5.60 -0.41
CA GLY A 226 10.84 -5.41 -0.88
C GLY A 226 11.81 -6.56 -0.53
N PHE A 227 11.29 -7.75 -0.19
CA PHE A 227 12.20 -8.87 0.20
C PHE A 227 13.21 -9.28 -0.86
N PHE A 228 14.41 -9.64 -0.39
CA PHE A 228 15.45 -10.11 -1.30
C PHE A 228 15.49 -11.65 -1.32
N SER A 229 16.24 -12.20 -2.25
CA SER A 229 16.30 -13.65 -2.41
C SER A 229 17.78 -14.01 -2.54
N ASN A 230 18.55 -13.78 -1.49
CA ASN A 230 19.98 -14.26 -1.39
C ASN A 230 20.89 -13.64 -2.38
N TYR A 231 21.06 -12.33 -2.28
CA TYR A 231 21.88 -11.62 -3.26
C TYR A 231 23.27 -11.53 -2.65
N GLU A 232 24.29 -11.83 -3.44
CA GLU A 232 25.70 -11.77 -3.01
C GLU A 232 26.06 -10.37 -2.50
N GLY A 233 26.61 -10.28 -1.29
CA GLY A 233 26.91 -8.99 -0.69
C GLY A 233 25.75 -8.34 0.08
N PHE A 234 24.54 -8.91 0.06
CA PHE A 234 23.46 -8.30 0.88
C PHE A 234 23.01 -9.21 2.00
N LYS A 235 23.36 -8.86 3.24
CA LYS A 235 22.94 -9.61 4.45
C LYS A 235 22.31 -8.62 5.38
N PRO A 236 21.46 -9.07 6.29
CA PRO A 236 20.77 -8.22 7.20
C PRO A 236 21.71 -7.66 8.25
N TYR A 237 21.37 -6.47 8.75
CA TYR A 237 22.12 -5.93 9.90
C TYR A 237 21.96 -6.84 11.11
N GLY A 238 23.07 -7.08 11.85
CA GLY A 238 23.03 -7.80 13.12
C GLY A 238 22.55 -9.26 13.01
N GLY A 239 22.60 -9.84 11.81
CA GLY A 239 22.08 -11.25 11.59
C GLY A 239 20.63 -11.49 11.96
N GLU A 240 19.81 -10.45 12.01
CA GLU A 240 18.40 -10.61 12.44
C GLU A 240 17.49 -10.44 11.18
N ALA A 241 16.28 -11.04 11.25
CA ALA A 241 15.34 -11.05 10.13
C ALA A 241 16.02 -11.46 8.84
N GLU A 242 16.82 -12.50 8.94
CA GLU A 242 17.47 -13.06 7.80
C GLU A 242 16.49 -13.50 6.70
N TRP A 243 15.28 -13.94 7.09
CA TRP A 243 14.30 -14.46 6.13
C TRP A 243 13.92 -13.38 5.09
N ALA A 244 14.09 -12.10 5.49
CA ALA A 244 13.76 -10.91 4.64
C ALA A 244 14.80 -10.72 3.57
N TYR A 245 16.03 -11.27 3.81
CA TYR A 245 17.11 -11.24 2.82
C TYR A 245 17.32 -12.51 1.99
N ASN A 246 16.81 -13.65 2.48
CA ASN A 246 17.24 -14.94 1.86
C ASN A 246 16.15 -15.64 1.05
N GLY A 247 15.04 -14.90 0.73
CA GLY A 247 14.02 -15.39 -0.20
C GLY A 247 12.91 -16.24 0.39
N TRP A 248 12.80 -16.26 1.71
CA TRP A 248 11.79 -17.14 2.34
C TRP A 248 10.37 -16.90 1.82
N SER A 249 10.08 -15.62 1.52
CA SER A 249 8.71 -15.21 1.18
C SER A 249 8.36 -15.46 -0.26
N GLY A 250 9.36 -15.91 -1.04
CA GLY A 250 9.16 -16.17 -2.47
C GLY A 250 9.23 -14.90 -3.32
N VAL A 251 9.71 -13.80 -2.73
CA VAL A 251 9.82 -12.51 -3.44
C VAL A 251 11.28 -12.28 -3.85
N ASP A 252 11.54 -12.03 -5.15
CA ASP A 252 12.90 -11.68 -5.54
C ASP A 252 12.78 -10.23 -6.06
N TRP A 253 13.03 -9.27 -5.20
CA TRP A 253 12.66 -7.89 -5.48
C TRP A 253 13.39 -7.41 -6.74
N LYS A 254 14.68 -7.71 -6.80
CA LYS A 254 15.48 -7.27 -7.96
C LYS A 254 14.88 -7.77 -9.25
N LYS A 255 14.45 -9.03 -9.30
CA LYS A 255 13.87 -9.52 -10.54
C LYS A 255 12.55 -8.86 -10.86
N LEU A 256 11.74 -8.63 -9.82
CA LEU A 256 10.50 -7.92 -10.00
C LEU A 256 10.73 -6.49 -10.51
N LEU A 257 11.71 -5.76 -9.96
CA LEU A 257 11.94 -4.39 -10.44
C LEU A 257 12.41 -4.34 -11.90
N SER A 258 13.10 -5.41 -12.34
CA SER A 258 13.56 -5.48 -13.76
C SER A 258 12.49 -5.72 -14.80
N ILE A 259 11.26 -6.01 -14.38
CA ILE A 259 10.16 -6.28 -15.31
C ILE A 259 9.83 -4.98 -16.05
N GLU A 260 9.71 -5.07 -17.37
CA GLU A 260 9.62 -3.87 -18.21
C GLU A 260 8.34 -3.04 -17.92
N THR A 261 7.27 -3.73 -17.55
CA THR A 261 5.98 -3.11 -17.25
C THR A 261 5.78 -2.68 -15.78
N VAL A 262 6.85 -2.69 -15.01
CA VAL A 262 6.90 -2.10 -13.64
C VAL A 262 7.74 -0.84 -13.68
N ASP A 263 7.16 0.27 -13.19
CA ASP A 263 7.77 1.57 -13.35
C ASP A 263 8.67 2.00 -12.20
N PHE A 264 8.43 1.52 -11.00
CA PHE A 264 9.19 1.88 -9.81
C PHE A 264 9.12 0.80 -8.72
N GLY A 265 10.10 0.78 -7.83
CA GLY A 265 10.16 -0.31 -6.81
C GLY A 265 9.53 0.22 -5.53
N THR A 266 8.98 -0.70 -4.76
CA THR A 266 8.29 -0.36 -3.56
C THR A 266 8.91 -1.28 -2.48
N PHE A 267 9.10 -0.77 -1.28
CA PHE A 267 9.44 -1.64 -0.17
C PHE A 267 8.81 -1.10 1.07
N HIS A 268 8.72 -1.96 2.08
CA HIS A 268 8.10 -1.61 3.29
C HIS A 268 9.14 -1.88 4.38
N LEU A 269 8.82 -1.43 5.58
CA LEU A 269 9.84 -1.55 6.71
C LEU A 269 9.18 -1.61 8.06
N TYR A 270 9.21 -2.82 8.66
CA TYR A 270 8.61 -2.95 9.98
C TYR A 270 9.53 -3.84 10.83
N PRO A 271 10.64 -3.31 11.29
CA PRO A 271 11.57 -4.19 12.04
C PRO A 271 10.93 -4.90 13.22
N SER A 272 9.98 -4.28 13.91
CA SER A 272 9.35 -4.91 15.04
C SER A 272 8.51 -6.13 14.68
N HIS A 273 7.97 -6.18 13.47
CA HIS A 273 7.17 -7.34 13.05
C HIS A 273 8.07 -8.48 12.56
N TRP A 274 9.29 -8.16 12.17
CA TRP A 274 10.11 -9.05 11.40
C TRP A 274 11.21 -9.79 12.19
N GLY A 275 11.25 -9.57 13.49
CA GLY A 275 12.18 -10.31 14.31
C GLY A 275 13.40 -9.52 14.74
N VAL A 276 13.39 -8.19 14.47
CA VAL A 276 14.57 -7.36 14.77
C VAL A 276 14.49 -6.97 16.26
N SER A 277 15.61 -6.97 17.00
CA SER A 277 15.59 -6.47 18.38
C SER A 277 15.48 -4.91 18.46
N PRO A 278 14.82 -4.39 19.50
CA PRO A 278 14.57 -2.94 19.51
C PRO A 278 15.83 -2.11 19.39
N GLU A 279 16.92 -2.55 19.98
CA GLU A 279 18.16 -1.76 19.95
C GLU A 279 18.75 -1.75 18.55
N ASN A 280 18.23 -2.65 17.68
CA ASN A 280 18.67 -2.71 16.30
C ASN A 280 17.65 -2.16 15.27
N TYR A 281 16.49 -1.65 15.71
CA TYR A 281 15.47 -1.18 14.75
C TYR A 281 16.08 -0.14 13.80
N ALA A 282 16.83 0.80 14.38
CA ALA A 282 17.21 1.97 13.62
C ALA A 282 18.24 1.55 12.60
N GLN A 283 19.25 0.75 13.01
CA GLN A 283 20.31 0.33 12.06
C GLN A 283 19.86 -0.74 11.06
N TRP A 284 18.97 -1.63 11.48
CA TRP A 284 18.44 -2.67 10.55
C TRP A 284 17.68 -1.89 9.41
N GLY A 285 16.84 -0.94 9.83
CA GLY A 285 16.07 -0.12 8.86
C GLY A 285 16.99 0.71 7.98
N ALA A 286 18.04 1.32 8.59
CA ALA A 286 19.01 2.09 7.79
C ALA A 286 19.63 1.22 6.70
N LYS A 287 20.08 0.01 7.06
CA LYS A 287 20.72 -0.85 6.07
C LYS A 287 19.68 -1.32 5.01
N TRP A 288 18.47 -1.63 5.46
CA TRP A 288 17.39 -2.03 4.53
C TRP A 288 17.16 -0.92 3.47
N ILE A 289 17.11 0.31 3.94
CA ILE A 289 16.89 1.47 3.04
C ILE A 289 18.07 1.62 2.11
N GLU A 290 19.27 1.60 2.67
CA GLU A 290 20.46 1.73 1.81
C GLU A 290 20.48 0.65 0.73
N ASP A 291 20.26 -0.59 1.15
CA ASP A 291 20.27 -1.72 0.18
C ASP A 291 19.27 -1.55 -0.93
N HIS A 292 18.04 -1.12 -0.59
CA HIS A 292 17.01 -1.04 -1.63
C HIS A 292 17.31 0.11 -2.62
N ILE A 293 17.76 1.25 -2.09
CA ILE A 293 18.08 2.42 -3.00
C ILE A 293 19.26 2.04 -3.89
N LYS A 294 20.27 1.36 -3.33
CA LYS A 294 21.43 0.99 -4.12
C LYS A 294 20.96 0.10 -5.25
N ILE A 295 20.19 -0.93 -4.89
CA ILE A 295 19.72 -1.86 -5.94
C ILE A 295 18.89 -1.14 -7.00
N ALA A 296 17.95 -0.28 -6.59
CA ALA A 296 17.10 0.39 -7.58
C ALA A 296 17.89 1.37 -8.45
N LYS A 297 18.86 2.06 -7.84
CA LYS A 297 19.69 2.96 -8.61
C LYS A 297 20.43 2.21 -9.71
N GLU A 298 20.91 1.00 -9.42
CA GLU A 298 21.64 0.22 -10.44
C GLU A 298 20.75 -0.27 -11.56
N ILE A 299 19.51 -0.66 -11.20
CA ILE A 299 18.52 -0.99 -12.22
C ILE A 299 18.06 0.24 -12.98
N GLY A 300 18.07 1.38 -12.34
CA GLY A 300 17.78 2.62 -13.07
C GLY A 300 16.27 2.99 -13.00
N LYS A 301 15.60 2.62 -11.89
CA LYS A 301 14.17 3.02 -11.67
C LYS A 301 13.97 3.68 -10.34
N PRO A 302 12.89 4.47 -10.22
CA PRO A 302 12.63 5.13 -8.96
C PRO A 302 12.26 4.08 -7.88
N VAL A 303 12.42 4.45 -6.62
CA VAL A 303 12.16 3.53 -5.51
C VAL A 303 11.47 4.31 -4.40
N VAL A 304 10.36 3.76 -3.91
CA VAL A 304 9.59 4.42 -2.83
C VAL A 304 9.59 3.54 -1.61
N LEU A 305 10.07 4.06 -0.48
CA LEU A 305 9.79 3.39 0.82
C LEU A 305 8.33 3.69 1.14
N GLU A 306 7.41 2.75 0.80
CA GLU A 306 5.99 3.19 0.83
C GLU A 306 5.22 2.84 2.09
N GLU A 307 5.81 2.01 2.95
CA GLU A 307 5.25 1.88 4.30
C GLU A 307 6.44 1.77 5.26
N TYR A 308 6.39 2.46 6.39
CA TYR A 308 7.35 2.13 7.51
C TYR A 308 6.67 2.48 8.79
N GLY A 309 6.99 1.77 9.91
CA GLY A 309 6.36 2.12 11.15
C GLY A 309 7.17 1.49 12.26
N ILE A 310 7.17 2.11 13.42
CA ILE A 310 7.75 1.55 14.66
C ILE A 310 6.64 1.66 15.67
N PRO A 311 6.48 0.66 16.55
CA PRO A 311 5.31 0.72 17.36
C PRO A 311 5.48 1.83 18.42
N LYS A 312 4.38 2.47 18.81
CA LYS A 312 4.45 3.60 19.71
C LYS A 312 5.05 3.16 21.08
N SER A 313 4.74 1.95 21.50
CA SER A 313 5.35 1.38 22.73
C SER A 313 6.84 0.89 22.65
N ALA A 314 7.55 1.05 21.52
CA ALA A 314 8.88 0.42 21.44
C ALA A 314 9.77 1.19 22.39
N PRO A 315 10.72 0.48 23.06
CA PRO A 315 11.58 1.14 24.07
C PRO A 315 12.71 1.91 23.39
N VAL A 316 12.35 2.66 22.35
CA VAL A 316 13.31 3.46 21.62
C VAL A 316 12.66 4.80 21.28
N ASN A 317 13.44 5.76 20.79
CA ASN A 317 12.84 7.03 20.47
C ASN A 317 12.30 6.89 19.03
N ARG A 318 10.98 6.81 18.88
CA ARG A 318 10.41 6.61 17.48
C ARG A 318 10.67 7.76 16.51
N THR A 319 10.48 9.00 16.97
CA THR A 319 10.77 10.16 16.14
C THR A 319 12.19 10.15 15.66
N ALA A 320 13.14 9.79 16.54
CA ALA A 320 14.57 9.82 16.12
C ALA A 320 14.83 8.72 15.08
N ILE A 321 14.15 7.57 15.23
CA ILE A 321 14.26 6.53 14.20
C ILE A 321 13.65 7.09 12.87
N TYR A 322 12.42 7.57 12.90
CA TYR A 322 11.85 8.19 11.72
C TYR A 322 12.73 9.28 11.13
N ARG A 323 13.35 10.15 11.97
CA ARG A 323 14.25 11.20 11.39
C ARG A 323 15.38 10.52 10.63
N LEU A 324 15.99 9.52 11.27
CA LEU A 324 17.12 8.79 10.63
C LEU A 324 16.72 8.21 9.28
N TRP A 325 15.55 7.52 9.24
CA TRP A 325 15.14 6.83 7.98
C TRP A 325 14.81 7.85 6.86
N ASN A 326 14.11 8.91 7.24
CA ASN A 326 13.78 9.98 6.27
C ASN A 326 15.02 10.67 5.81
N ASP A 327 15.98 10.91 6.73
CA ASP A 327 17.27 11.52 6.27
C ASP A 327 17.92 10.66 5.28
N LEU A 328 17.91 9.36 5.53
CA LEU A 328 18.56 8.47 4.60
C LEU A 328 17.90 8.42 3.22
N VAL A 329 16.58 8.29 3.19
CA VAL A 329 15.94 8.28 1.92
C VAL A 329 16.25 9.64 1.18
N TYR A 330 16.26 10.73 1.94
CA TYR A 330 16.52 12.07 1.35
C TYR A 330 17.95 12.16 0.81
N ASP A 331 18.94 11.89 1.66
CA ASP A 331 20.39 11.94 1.27
C ASP A 331 20.81 10.98 0.18
N LEU A 332 20.24 9.77 0.13
CA LEU A 332 20.63 8.80 -0.90
C LEU A 332 19.87 8.92 -2.17
N GLY A 333 18.95 9.88 -2.26
CA GLY A 333 18.28 10.09 -3.54
C GLY A 333 17.13 9.15 -3.78
N GLY A 334 16.56 8.60 -2.70
CA GLY A 334 15.27 7.79 -2.84
C GLY A 334 14.13 8.72 -3.24
N ASP A 335 13.09 8.18 -3.86
CA ASP A 335 12.09 9.07 -4.48
C ASP A 335 10.97 9.43 -3.52
N GLY A 336 10.72 8.56 -2.54
CA GLY A 336 9.73 9.00 -1.58
C GLY A 336 9.81 8.16 -0.34
N ALA A 337 9.29 8.72 0.75
CA ALA A 337 9.21 7.96 2.01
C ALA A 337 7.80 8.15 2.59
N MET A 338 7.05 7.05 2.81
CA MET A 338 5.63 7.16 3.20
C MET A 338 5.43 6.40 4.50
N PHE A 339 5.00 7.08 5.57
CA PHE A 339 4.87 6.38 6.86
C PHE A 339 3.54 5.65 6.87
N TRP A 340 3.48 4.51 7.58
CA TRP A 340 2.19 3.91 7.89
C TRP A 340 1.91 4.39 9.37
N MET A 341 0.83 5.12 9.65
CA MET A 341 -0.18 5.57 8.68
C MET A 341 -0.79 6.84 9.25
N LEU A 342 -1.55 7.53 8.37
CA LEU A 342 -2.19 8.81 8.76
C LEU A 342 -3.67 8.57 8.99
N ALA A 343 -4.19 9.09 10.10
CA ALA A 343 -5.64 9.06 10.31
C ALA A 343 -6.13 10.46 10.62
N GLY A 344 -7.44 10.63 10.57
CA GLY A 344 -8.06 11.84 11.05
C GLY A 344 -9.16 11.56 12.08
N ILE A 345 -10.14 12.44 12.09
CA ILE A 345 -11.24 12.41 13.07
C ILE A 345 -11.98 11.10 12.92
N GLY A 346 -12.52 10.58 14.05
CA GLY A 346 -13.25 9.31 14.01
C GLY A 346 -14.73 9.54 14.26
N GLU A 347 -15.54 8.46 14.30
CA GLU A 347 -17.01 8.52 14.40
C GLU A 347 -17.48 7.16 14.89
N GLY A 348 -18.69 7.12 15.47
CA GLY A 348 -19.37 5.83 15.70
C GLY A 348 -18.51 4.97 16.61
N SER A 349 -18.26 3.73 16.20
CA SER A 349 -17.46 2.78 17.00
C SER A 349 -15.98 2.80 16.61
N ASP A 350 -15.57 3.85 15.90
CA ASP A 350 -14.15 4.07 15.62
C ASP A 350 -13.79 5.49 16.02
N ARG A 351 -13.77 5.73 17.32
CA ARG A 351 -13.48 7.06 17.81
C ARG A 351 -12.81 6.86 19.18
N ASP A 352 -11.67 7.51 19.43
CA ASP A 352 -10.89 7.18 20.61
C ASP A 352 -11.15 8.35 21.67
N GLU A 353 -10.34 8.42 22.69
CA GLU A 353 -10.53 9.36 23.80
C GLU A 353 -10.39 10.83 23.42
N ARG A 354 -9.79 11.12 22.27
CA ARG A 354 -9.65 12.51 21.73
C ARG A 354 -10.60 12.75 20.52
N GLY A 355 -11.39 11.77 20.17
CA GLY A 355 -12.34 11.90 19.07
C GLY A 355 -11.71 11.52 17.73
N TYR A 356 -10.50 10.91 17.73
CA TYR A 356 -9.82 10.50 16.45
C TYR A 356 -10.16 9.08 16.11
N TYR A 357 -9.87 8.69 14.88
CA TYR A 357 -9.94 7.29 14.52
C TYR A 357 -8.86 6.64 15.40
N PRO A 358 -9.18 5.51 16.05
CA PRO A 358 -8.24 4.97 17.05
C PRO A 358 -6.88 4.50 16.52
N ASP A 359 -5.88 4.54 17.37
CA ASP A 359 -4.60 3.88 17.06
C ASP A 359 -4.65 2.36 17.33
N TYR A 360 -5.22 1.59 16.44
CA TYR A 360 -5.41 0.14 16.70
C TYR A 360 -4.14 -0.65 16.58
N ASP A 361 -3.18 -0.19 15.79
CA ASP A 361 -1.95 -0.97 15.55
C ASP A 361 -0.70 -0.40 16.19
N GLY A 362 -0.80 0.69 16.91
CA GLY A 362 0.37 1.35 17.47
C GLY A 362 1.18 2.19 16.48
N PHE A 363 0.71 2.39 15.23
CA PHE A 363 1.48 3.15 14.26
C PHE A 363 0.81 4.44 13.84
N ARG A 364 -0.41 4.70 14.30
CA ARG A 364 -1.16 5.89 13.79
C ARG A 364 -0.43 7.17 14.12
N ILE A 365 -0.38 8.05 13.12
CA ILE A 365 0.01 9.44 13.31
C ILE A 365 -1.19 10.32 12.90
N VAL A 366 -1.48 11.38 13.69
CA VAL A 366 -2.55 12.36 13.34
C VAL A 366 -1.94 13.78 13.29
N ASN A 367 -2.68 14.76 12.75
CA ASN A 367 -2.13 16.11 12.59
C ASN A 367 -2.22 16.85 13.97
N ASP A 368 -1.36 16.48 14.91
CA ASP A 368 -1.46 17.03 16.30
C ASP A 368 -0.07 17.58 16.68
N ASP A 369 0.21 17.67 18.00
CA ASP A 369 1.49 18.24 18.50
C ASP A 369 2.54 17.18 18.88
N SER A 370 2.36 15.92 18.47
CA SER A 370 3.33 14.88 18.78
C SER A 370 4.67 15.15 18.06
N PRO A 371 5.81 14.64 18.60
CA PRO A 371 7.05 14.92 17.90
C PRO A 371 7.06 14.22 16.53
N GLU A 372 6.28 13.15 16.38
CA GLU A 372 6.27 12.47 15.07
C GLU A 372 5.57 13.38 14.03
N ALA A 373 4.40 13.92 14.39
CA ALA A 373 3.68 14.84 13.49
C ALA A 373 4.52 16.07 13.17
N GLU A 374 5.24 16.59 14.18
CA GLU A 374 6.15 17.73 13.92
C GLU A 374 7.25 17.39 12.94
N LEU A 375 7.82 16.18 13.07
CA LEU A 375 8.89 15.74 12.17
C LEU A 375 8.40 15.60 10.74
N ILE A 376 7.27 14.93 10.58
CA ILE A 376 6.65 14.84 9.26
C ILE A 376 6.45 16.24 8.61
N ARG A 377 5.92 17.19 9.36
CA ARG A 377 5.76 18.56 8.85
C ARG A 377 7.08 19.16 8.44
N GLU A 378 8.06 19.04 9.31
CA GLU A 378 9.43 19.44 8.94
C GLU A 378 9.99 18.77 7.67
N TYR A 379 9.90 17.44 7.56
CA TYR A 379 10.45 16.77 6.37
C TYR A 379 9.66 17.04 5.11
N ALA A 380 8.36 17.30 5.24
CA ALA A 380 7.54 17.53 4.06
C ALA A 380 7.99 18.83 3.39
N LYS A 381 8.68 19.69 4.15
CA LYS A 381 9.23 20.95 3.61
C LYS A 381 10.52 20.69 2.80
N LEU A 382 11.27 19.66 3.22
CA LEU A 382 12.56 19.32 2.57
C LEU A 382 12.42 18.54 1.28
N PHE A 383 11.48 17.57 1.23
CA PHE A 383 11.40 16.68 0.08
C PHE A 383 10.86 17.38 -1.14
C1 GLC B . -12.58 -2.06 12.94
C2 GLC B . -11.81 -2.71 14.14
C3 GLC B . -10.30 -2.68 13.98
C4 GLC B . -9.95 -3.01 12.52
C5 GLC B . -10.46 -1.92 11.57
C6 GLC B . -10.13 -2.18 10.08
O1 GLC B . -13.37 -0.94 13.34
O2 GLC B . -12.19 -2.27 15.49
O3 GLC B . -9.71 -3.71 14.81
O4 GLC B . -8.54 -3.01 12.50
O5 GLC B . -11.86 -1.72 11.72
O6 GLC B . -11.01 -3.20 9.61
C1 GLC B . -7.91 -4.19 11.93
C2 GLC B . -6.71 -4.37 12.86
C3 GLC B . -5.74 -3.16 12.76
C4 GLC B . -5.23 -2.98 11.31
C5 GLC B . -6.43 -3.00 10.30
C6 GLC B . -5.91 -3.23 8.86
O2 GLC B . -7.29 -4.33 14.18
O3 GLC B . -4.67 -3.36 13.69
O4 GLC B . -4.38 -1.80 11.13
O5 GLC B . -7.51 -3.98 10.56
O6 GLC B . -7.13 -3.34 8.16
C1 GLC C . 4.22 -9.10 8.37
C2 GLC C . 3.95 -7.60 7.92
C3 GLC C . 2.50 -7.21 8.26
C4 GLC C . 1.55 -8.44 8.31
C5 GLC C . 1.97 -9.63 9.19
C6 GLC C . 1.43 -10.99 8.71
O1 GLC C . 5.53 -9.48 8.68
O2 GLC C . 4.84 -6.52 8.36
O3 GLC C . 1.96 -6.17 7.40
O4 GLC C . 0.36 -7.93 8.88
O5 GLC C . 3.41 -9.64 9.44
O6 GLC C . 1.98 -12.04 9.54
C1 GLC C . -0.75 -8.21 8.02
C2 GLC C . -1.76 -7.07 8.15
C3 GLC C . -2.43 -7.09 9.54
C4 GLC C . -3.08 -8.47 9.78
C5 GLC C . -2.19 -9.69 9.43
C6 GLC C . -3.11 -10.83 9.00
O2 GLC C . -1.02 -5.88 7.88
O3 GLC C . -3.42 -6.06 9.72
O4 GLC C . -3.49 -8.60 11.18
O5 GLC C . -1.22 -9.52 8.37
O6 GLC C . -2.33 -12.01 9.13
C1 GLC D . -16.80 20.51 1.74
C2 GLC D . -17.08 19.00 1.86
C3 GLC D . -18.11 18.54 0.79
C4 GLC D . -19.37 19.39 0.98
C5 GLC D . -19.13 20.91 1.02
C6 GLC D . -20.39 21.59 1.52
O1 GLC D . -16.18 20.72 0.46
O2 GLC D . -15.82 18.40 1.62
O3 GLC D . -18.53 17.16 0.79
O4 GLC D . -20.11 19.15 -0.20
O5 GLC D . -18.01 21.30 1.85
O6 GLC D . -20.16 22.99 1.28
C1 GLC D . -21.52 18.85 -0.06
C2 GLC D . -21.74 17.54 -0.86
C3 GLC D . -21.61 17.80 -2.39
C4 GLC D . -22.27 19.12 -2.88
C5 GLC D . -22.00 20.34 -1.96
C6 GLC D . -22.73 21.63 -2.40
O2 GLC D . -20.85 16.45 -0.44
O3 GLC D . -22.14 16.70 -3.13
O4 GLC D . -21.89 19.40 -4.24
O5 GLC D . -22.28 19.96 -0.58
O6 GLC D . -24.13 21.37 -2.52
#